data_6Q9V
#
_entry.id   6Q9V
#
_cell.length_a   44.025
_cell.length_b   65.183
_cell.length_c   112.777
_cell.angle_alpha   90.000
_cell.angle_beta   90.000
_cell.angle_gamma   90.000
#
_symmetry.space_group_name_H-M   'P 21 21 21'
#
loop_
_entity.id
_entity.type
_entity.pdbx_description
1 polymer 'Methionine-R-sulfoxide reductase B3'
2 polymer 'Methionine-R-sulfoxide reductase B3'
3 non-polymer 'ZINC ION'
4 non-polymer 'SULFATE ION'
5 non-polymer (4S)-2-METHYL-2,4-PENTANEDIOL
6 water water
#
loop_
_entity_poly.entity_id
_entity_poly.type
_entity_poly.pdbx_seq_one_letter_code
_entity_poly.pdbx_strand_id
1 'polypeptide(L)'
;EFQSGSCRD(MLY)(MLY)NCKVVFSQQELRKRLTPLQYHVTQE(MLY)GTESAFEGEYTHHKDPGIY(MLY)CVVCGTP
LF(MLY)SETKFDSGSGWPSFHDVINSEAITFTDDFSYGMHRVETSCSQCGAHLGHIFDDGPRPTGKRY(CSO)INSAAL
SFTPADSSGTAEGGSGVASPAQAD
;
A
2 'polypeptide(L)'
;SGSCRD(MLY)KNCKVVFSQQELR(MLY)RLTPLQYHVTQE(MLY)GTESAFEGEYTHHKDPGIY(MLY)CVVCGTPLFK
SETKFDSGSGWPSFHDVINSEAITFTDDFSYGMHRVETSCSQCGAHLGHIFDDGPRPTGKRY(CSO)INSAALSFTPADS
SGTAEGGSGVASPAQAD
;
B
#
loop_
_chem_comp.id
_chem_comp.type
_chem_comp.name
_chem_comp.formula
MPD non-polymer (4S)-2-METHYL-2,4-PENTANEDIOL 'C6 H14 O2'
SO4 non-polymer 'SULFATE ION' 'O4 S -2'
ZN non-polymer 'ZINC ION' 'Zn 2'
#
# COMPACT_ATOMS: atom_id res chain seq x y z
N GLU A 1 -9.10 -19.12 1.55
CA GLU A 1 -8.08 -18.92 0.52
C GLU A 1 -7.08 -17.84 0.93
N PHE A 2 -7.09 -17.48 2.22
CA PHE A 2 -6.16 -16.48 2.74
C PHE A 2 -5.68 -16.93 4.12
N GLN A 3 -4.73 -16.17 4.69
CA GLN A 3 -4.15 -16.47 5.99
C GLN A 3 -4.72 -15.53 7.03
N SER A 4 -5.14 -16.08 8.18
CA SER A 4 -5.71 -15.22 9.21
C SER A 4 -5.39 -15.76 10.59
N GLY A 5 -5.33 -14.85 11.55
CA GLY A 5 -5.09 -15.20 12.94
C GLY A 5 -3.63 -15.20 13.35
N SER A 6 -3.34 -14.61 14.51
CA SER A 6 -2.08 -14.81 15.18
C SER A 6 -2.16 -16.05 16.07
N CYS A 7 -1.07 -16.37 16.77
CA CYS A 7 -1.12 -17.50 17.68
C CYS A 7 -2.08 -17.25 18.83
N ARG A 8 -2.41 -15.99 19.13
CA ARG A 8 -3.41 -15.70 20.16
C ARG A 8 -4.79 -16.15 19.73
N ASP A 9 -5.17 -15.88 18.48
CA ASP A 9 -6.44 -16.35 17.94
C ASP A 9 -6.51 -17.87 17.98
N MLY A 10 -5.39 -18.51 17.67
CA MLY A 10 -5.31 -19.96 17.63
CB MLY A 10 -4.17 -20.39 16.69
CG MLY A 10 -4.34 -19.86 15.26
CD MLY A 10 -3.04 -19.89 14.45
CE MLY A 10 -3.18 -19.12 13.14
NZ MLY A 10 -1.98 -19.17 12.22
CH1 MLY A 10 -0.81 -18.66 12.95
CH2 MLY A 10 -2.23 -18.23 11.11
C MLY A 10 -5.09 -20.54 19.03
O MLY A 10 -5.12 -21.75 19.23
N MLY A 11 -4.91 -19.67 20.02
CA MLY A 11 -4.67 -20.11 21.39
CB MLY A 11 -5.96 -20.66 22.02
CG MLY A 11 -6.97 -19.55 22.35
CD MLY A 11 -8.40 -20.03 22.20
CE MLY A 11 -9.25 -19.78 23.44
NZ MLY A 11 -9.18 -18.38 23.95
CH1 MLY A 11 -9.01 -18.51 25.40
CH2 MLY A 11 -10.51 -17.78 23.75
C MLY A 11 -3.54 -21.15 21.45
O MLY A 11 -3.62 -22.13 22.19
N ASN A 12 -2.47 -20.92 20.68
CA ASN A 12 -1.30 -21.79 20.78
C ASN A 12 0.03 -21.02 20.82
N CYS A 13 0.04 -19.83 21.39
CA CYS A 13 1.30 -19.11 21.50
C CYS A 13 2.25 -19.84 22.44
N LYS A 14 3.54 -19.80 22.08
CA LYS A 14 4.57 -20.37 22.95
C LYS A 14 4.69 -19.60 24.25
N VAL A 15 4.53 -18.29 24.18
N VAL A 15 4.54 -18.29 24.19
CA VAL A 15 4.65 -17.40 25.34
CA VAL A 15 4.66 -17.44 25.38
C VAL A 15 3.33 -16.69 25.53
C VAL A 15 3.36 -16.67 25.54
N VAL A 16 2.81 -16.68 26.77
CA VAL A 16 1.54 -16.02 27.07
C VAL A 16 1.70 -15.23 28.36
N PHE A 17 1.40 -13.93 28.30
CA PHE A 17 1.36 -13.06 29.46
C PHE A 17 -0.08 -12.64 29.74
N SER A 18 -0.40 -12.38 31.01
CA SER A 18 -1.73 -11.88 31.31
C SER A 18 -1.85 -10.43 30.85
N GLN A 19 -3.06 -10.03 30.49
CA GLN A 19 -3.25 -8.64 30.07
C GLN A 19 -2.87 -7.70 31.22
N GLN A 20 -3.08 -8.13 32.46
CA GLN A 20 -2.71 -7.31 33.61
C GLN A 20 -1.21 -7.05 33.66
N GLU A 21 -0.41 -8.09 33.45
CA GLU A 21 1.04 -7.88 33.41
C GLU A 21 1.42 -6.93 32.28
N LEU A 22 0.82 -7.11 31.11
CA LEU A 22 1.16 -6.29 29.96
C LEU A 22 0.71 -4.85 30.14
N ARG A 23 -0.42 -4.61 30.80
CA ARG A 23 -0.86 -3.24 31.07
C ARG A 23 0.17 -2.47 31.89
N LYS A 24 0.87 -3.15 32.80
CA LYS A 24 1.83 -2.45 33.65
C LYS A 24 3.15 -2.24 32.92
N ARG A 25 3.61 -3.27 32.23
CA ARG A 25 4.96 -3.36 31.66
C ARG A 25 5.11 -2.63 30.32
N LEU A 26 4.00 -2.34 29.63
CA LEU A 26 3.99 -1.62 28.35
C LEU A 26 3.36 -0.24 28.54
N THR A 27 3.82 0.75 27.78
CA THR A 27 3.11 2.03 27.78
C THR A 27 1.73 1.82 27.16
N PRO A 28 0.82 2.77 27.36
CA PRO A 28 -0.51 2.60 26.74
C PRO A 28 -0.44 2.44 25.22
N LEU A 29 0.55 3.08 24.58
CA LEU A 29 0.68 2.96 23.14
C LEU A 29 1.23 1.59 22.76
N GLN A 30 2.27 1.15 23.47
CA GLN A 30 2.82 -0.19 23.21
C GLN A 30 1.76 -1.25 23.41
N TYR A 31 0.93 -1.11 24.44
CA TYR A 31 -0.15 -2.06 24.66
C TYR A 31 -1.16 -2.03 23.51
N HIS A 32 -1.61 -0.83 23.13
CA HIS A 32 -2.59 -0.69 22.06
C HIS A 32 -2.08 -1.29 20.75
N VAL A 33 -0.83 -0.99 20.41
CA VAL A 33 -0.27 -1.48 19.14
C VAL A 33 -0.18 -3.00 19.16
N THR A 34 0.51 -3.56 20.17
CA THR A 34 0.82 -4.99 20.12
C THR A 34 -0.40 -5.84 20.43
N GLN A 35 -1.25 -5.37 21.37
CA GLN A 35 -2.37 -6.18 21.84
C GLN A 35 -3.69 -5.90 21.14
N GLU A 36 -3.84 -4.74 20.50
CA GLU A 36 -5.12 -4.38 19.91
C GLU A 36 -4.97 -4.03 18.43
N MLY A 37 -3.86 -4.50 17.84
CA MLY A 37 -3.53 -4.21 16.44
CB MLY A 37 -4.42 -5.04 15.49
CG MLY A 37 -4.18 -6.53 15.66
CD MLY A 37 -4.69 -7.37 14.51
CE MLY A 37 -4.27 -8.81 14.70
NZ MLY A 37 -4.38 -9.62 13.44
CH1 MLY A 37 -3.81 -10.95 13.70
CH2 MLY A 37 -5.82 -9.78 13.19
C MLY A 37 -3.67 -2.72 16.13
O MLY A 37 -4.16 -2.33 15.06
N GLY A 38 -3.23 -1.90 17.07
CA GLY A 38 -3.16 -0.47 16.82
C GLY A 38 -1.99 -0.06 15.96
N THR A 39 -2.02 1.18 15.49
CA THR A 39 -0.94 1.74 14.69
C THR A 39 -0.57 3.09 15.29
N GLU A 40 0.72 3.26 15.62
CA GLU A 40 1.17 4.56 16.09
C GLU A 40 1.05 5.57 14.96
N SER A 41 0.91 6.85 15.32
CA SER A 41 0.82 7.89 14.30
C SER A 41 2.14 8.03 13.57
N ALA A 42 2.09 8.65 12.39
CA ALA A 42 3.32 8.80 11.61
C ALA A 42 4.31 9.62 12.41
N PHE A 43 5.54 9.11 12.49
CA PHE A 43 6.67 9.74 13.18
C PHE A 43 6.49 9.82 14.70
N GLU A 44 5.53 9.08 15.25
CA GLU A 44 5.39 9.02 16.70
C GLU A 44 6.51 8.23 17.38
N GLY A 45 7.15 7.31 16.67
CA GLY A 45 8.06 6.35 17.31
C GLY A 45 9.49 6.84 17.47
N GLU A 46 10.07 6.54 18.64
CA GLU A 46 11.48 6.82 18.90
C GLU A 46 12.39 6.17 17.88
N TYR A 47 12.02 4.98 17.41
CA TYR A 47 12.94 4.22 16.56
C TYR A 47 12.82 4.59 15.09
N THR A 48 11.91 5.48 14.72
CA THR A 48 11.77 5.85 13.31
C THR A 48 13.05 6.51 12.79
N HIS A 49 13.53 7.54 13.48
CA HIS A 49 14.81 8.16 13.17
C HIS A 49 15.79 7.75 14.25
N HIS A 50 16.39 6.58 14.04
CA HIS A 50 17.23 5.93 15.04
C HIS A 50 18.15 5.01 14.26
N LYS A 51 19.46 5.25 14.33
CA LYS A 51 20.40 4.54 13.47
C LYS A 51 21.50 3.81 14.24
N ASP A 52 21.36 3.66 15.55
CA ASP A 52 22.43 3.02 16.32
C ASP A 52 22.48 1.52 16.00
N PRO A 53 23.68 0.94 15.95
CA PRO A 53 23.79 -0.51 15.69
C PRO A 53 23.29 -1.32 16.87
N GLY A 54 22.57 -2.39 16.57
CA GLY A 54 21.95 -3.19 17.60
C GLY A 54 20.86 -4.06 17.01
N ILE A 55 20.07 -4.61 17.90
CA ILE A 55 19.03 -5.58 17.56
C ILE A 55 17.68 -5.07 18.07
N TYR A 56 16.66 -5.14 17.22
CA TYR A 56 15.29 -4.83 17.65
C TYR A 56 14.54 -6.13 17.94
N MLY A 57 13.92 -6.19 19.12
CA MLY A 57 13.22 -7.38 19.56
CB MLY A 57 13.79 -7.89 20.89
CG MLY A 57 15.31 -8.10 20.90
CD MLY A 57 15.77 -8.60 22.26
CE MLY A 57 17.29 -8.68 22.32
NZ MLY A 57 17.79 -9.60 23.41
CH1 MLY A 57 17.48 -8.98 24.71
CH2 MLY A 57 19.25 -9.61 23.30
C MLY A 57 11.74 -7.07 19.74
O MLY A 57 11.36 -5.91 19.89
N CYS A 58 10.92 -8.12 19.75
CA CYS A 58 9.52 -7.98 20.14
C CYS A 58 9.46 -7.35 21.52
N VAL A 59 8.77 -6.22 21.62
CA VAL A 59 8.70 -5.52 22.90
C VAL A 59 7.95 -6.35 23.93
N VAL A 60 7.12 -7.29 23.48
CA VAL A 60 6.35 -8.07 24.43
C VAL A 60 7.17 -9.22 24.99
N CYS A 61 7.74 -10.07 24.14
CA CYS A 61 8.36 -11.31 24.58
C CYS A 61 9.88 -11.36 24.41
N GLY A 62 10.49 -10.42 23.71
CA GLY A 62 11.93 -10.37 23.59
C GLY A 62 12.51 -11.16 22.43
N THR A 63 11.68 -11.81 21.63
CA THR A 63 12.17 -12.53 20.44
C THR A 63 12.89 -11.55 19.52
N PRO A 64 14.14 -11.85 19.11
CA PRO A 64 14.83 -10.96 18.17
C PRO A 64 14.14 -10.94 16.82
N LEU A 65 13.98 -9.73 16.28
CA LEU A 65 13.21 -9.54 15.05
C LEU A 65 14.04 -8.91 13.94
N PHE A 66 14.68 -7.78 14.18
CA PHE A 66 15.33 -7.01 13.13
C PHE A 66 16.73 -6.56 13.51
N MLY A 67 17.65 -6.62 12.55
CA MLY A 67 19.00 -6.09 12.68
CB MLY A 67 19.99 -6.91 11.84
CG MLY A 67 20.10 -8.38 12.21
CD MLY A 67 21.26 -9.00 11.44
CE MLY A 67 21.32 -10.49 11.69
NZ MLY A 67 22.58 -11.11 11.19
CH1 MLY A 67 22.58 -10.98 9.72
CH2 MLY A 67 22.43 -12.55 11.45
C MLY A 67 19.07 -4.66 12.20
O MLY A 67 18.47 -4.31 11.18
N SER A 68 19.87 -3.85 12.90
CA SER A 68 20.05 -2.46 12.50
C SER A 68 20.62 -2.34 11.10
N GLU A 69 21.38 -3.37 10.68
CA GLU A 69 22.03 -3.29 9.38
C GLU A 69 21.05 -3.36 8.21
N THR A 70 19.80 -3.79 8.45
CA THR A 70 18.77 -3.78 7.42
C THR A 70 17.81 -2.59 7.54
N LYS A 71 17.99 -1.73 8.53
CA LYS A 71 17.10 -0.59 8.69
C LYS A 71 17.38 0.45 7.62
N PHE A 72 16.32 1.06 7.09
CA PHE A 72 16.51 2.11 6.10
C PHE A 72 15.44 3.16 6.29
N ASP A 73 15.66 4.32 5.68
CA ASP A 73 14.73 5.43 5.77
C ASP A 73 13.74 5.31 4.62
N SER A 74 12.50 4.91 4.91
CA SER A 74 11.49 4.79 3.87
C SER A 74 10.72 6.08 3.64
N GLY A 75 10.93 7.10 4.46
CA GLY A 75 10.10 8.29 4.41
C GLY A 75 8.65 8.09 4.79
N SER A 76 8.28 6.93 5.31
CA SER A 76 6.88 6.61 5.54
C SER A 76 6.36 7.15 6.86
N GLY A 77 7.20 7.30 7.87
CA GLY A 77 6.74 7.64 9.20
C GLY A 77 6.87 6.55 10.23
N TRP A 78 7.37 5.37 9.85
CA TRP A 78 7.55 4.26 10.78
C TRP A 78 8.88 3.60 10.50
N PRO A 79 9.45 2.91 11.50
CA PRO A 79 10.64 2.09 11.25
C PRO A 79 10.45 1.17 10.06
N SER A 80 11.52 0.98 9.30
CA SER A 80 11.51 0.22 8.05
C SER A 80 12.77 -0.65 7.99
N PHE A 81 12.61 -1.93 7.69
CA PHE A 81 13.71 -2.89 7.61
C PHE A 81 13.55 -3.71 6.33
N HIS A 82 14.66 -4.02 5.65
CA HIS A 82 14.53 -4.81 4.42
C HIS A 82 14.68 -6.31 4.64
N ASP A 83 14.89 -6.77 5.88
CA ASP A 83 14.87 -8.20 6.14
C ASP A 83 14.58 -8.45 7.61
N VAL A 84 14.32 -9.71 7.93
CA VAL A 84 14.02 -10.14 9.29
C VAL A 84 15.13 -11.11 9.71
N ILE A 85 15.43 -11.14 11.01
CA ILE A 85 16.49 -12.03 11.50
C ILE A 85 16.20 -13.47 11.14
N ASN A 86 14.93 -13.88 11.25
CA ASN A 86 14.56 -15.07 10.51
C ASN A 86 13.05 -15.20 10.52
N SER A 87 12.52 -15.64 9.40
CA SER A 87 11.10 -15.51 9.10
C SER A 87 10.22 -16.35 10.00
N GLU A 88 10.78 -17.39 10.66
CA GLU A 88 9.98 -18.16 11.61
C GLU A 88 9.52 -17.32 12.80
N ALA A 89 10.14 -16.17 13.04
CA ALA A 89 9.72 -15.28 14.11
C ALA A 89 8.47 -14.48 13.78
N ILE A 90 7.99 -14.54 12.54
CA ILE A 90 6.88 -13.70 12.08
C ILE A 90 5.71 -14.56 11.64
N THR A 91 4.51 -14.13 12.02
CA THR A 91 3.27 -14.66 11.46
C THR A 91 2.73 -13.66 10.44
N PHE A 92 2.66 -14.06 9.15
CA PHE A 92 2.09 -13.23 8.10
C PHE A 92 0.61 -13.56 7.89
N THR A 93 -0.24 -12.54 7.86
CA THR A 93 -1.66 -12.75 7.63
C THR A 93 -2.17 -11.72 6.64
N ASP A 94 -3.27 -12.06 5.97
CA ASP A 94 -3.84 -11.15 4.99
C ASP A 94 -4.75 -10.14 5.68
N ASP A 95 -4.51 -8.86 5.39
CA ASP A 95 -5.25 -7.76 5.99
C ASP A 95 -6.09 -7.09 4.91
N PHE A 96 -7.42 -7.18 5.01
CA PHE A 96 -8.32 -6.64 4.00
C PHE A 96 -9.04 -5.37 4.46
N SER A 97 -8.56 -4.72 5.53
CA SER A 97 -9.23 -3.51 6.00
C SER A 97 -9.16 -2.39 4.96
N TYR A 98 -10.15 -1.50 5.02
CA TYR A 98 -10.17 -0.28 4.21
C TYR A 98 -10.22 -0.59 2.71
N GLY A 99 -10.81 -1.72 2.35
CA GLY A 99 -10.98 -2.05 0.94
C GLY A 99 -9.69 -2.18 0.17
N MET A 100 -8.61 -2.58 0.86
CA MET A 100 -7.31 -2.78 0.23
C MET A 100 -6.71 -4.07 0.79
N HIS A 101 -5.65 -4.55 0.14
CA HIS A 101 -4.98 -5.76 0.60
C HIS A 101 -3.57 -5.43 1.07
N ARG A 102 -3.26 -5.86 2.30
CA ARG A 102 -1.94 -5.73 2.89
C ARG A 102 -1.65 -7.01 3.65
N VAL A 103 -0.37 -7.27 3.89
CA VAL A 103 0.06 -8.41 4.69
C VAL A 103 0.49 -7.88 6.05
N GLU A 104 -0.25 -8.24 7.09
CA GLU A 104 0.11 -7.89 8.45
C GLU A 104 1.23 -8.81 8.95
N THR A 105 2.12 -8.23 9.77
CA THR A 105 3.17 -9.00 10.43
C THR A 105 2.93 -9.02 11.93
N SER A 106 2.95 -10.22 12.53
CA SER A 106 2.84 -10.38 13.97
C SER A 106 3.97 -11.29 14.47
N CYS A 107 4.29 -11.15 15.76
CA CYS A 107 5.25 -12.05 16.39
C CYS A 107 4.68 -13.46 16.47
N SER A 108 5.45 -14.44 15.97
CA SER A 108 4.96 -15.81 15.95
C SER A 108 4.99 -16.47 17.31
N GLN A 109 5.72 -15.90 18.27
CA GLN A 109 5.94 -16.48 19.59
C GLN A 109 4.90 -16.03 20.60
N CYS A 110 4.52 -14.76 20.58
CA CYS A 110 3.55 -14.23 21.52
C CYS A 110 2.34 -13.60 20.84
N GLY A 111 2.37 -13.42 19.53
CA GLY A 111 1.18 -12.94 18.84
C GLY A 111 1.09 -11.43 18.73
N ALA A 112 2.04 -10.70 19.30
CA ALA A 112 2.06 -9.23 19.25
C ALA A 112 1.92 -8.73 17.81
N HIS A 113 1.05 -7.75 17.61
CA HIS A 113 1.01 -7.07 16.31
C HIS A 113 2.23 -6.19 16.15
N LEU A 114 2.94 -6.34 15.02
CA LEU A 114 4.13 -5.56 14.71
C LEU A 114 3.89 -4.49 13.66
N GLY A 115 3.32 -4.88 12.51
CA GLY A 115 3.08 -3.94 11.42
C GLY A 115 2.68 -4.67 10.15
N HIS A 116 3.34 -4.36 9.02
CA HIS A 116 3.01 -4.91 7.71
C HIS A 116 4.31 -5.12 6.93
N ILE A 117 4.25 -5.95 5.89
CA ILE A 117 5.37 -6.09 4.97
C ILE A 117 4.90 -5.69 3.57
N PHE A 118 5.73 -4.92 2.88
CA PHE A 118 5.40 -4.43 1.54
C PHE A 118 6.49 -4.80 0.55
N ASP A 119 6.15 -4.70 -0.74
CA ASP A 119 7.06 -5.06 -1.83
C ASP A 119 7.76 -3.86 -2.46
N ASP A 120 7.83 -2.73 -1.77
CA ASP A 120 8.50 -1.54 -2.26
C ASP A 120 9.82 -1.28 -1.54
N GLY A 121 10.45 -2.31 -1.01
CA GLY A 121 11.70 -2.15 -0.30
C GLY A 121 12.89 -2.13 -1.22
N PRO A 122 14.04 -1.79 -0.66
CA PRO A 122 15.26 -1.71 -1.45
C PRO A 122 15.87 -3.09 -1.70
N ARG A 123 16.81 -3.12 -2.63
CA ARG A 123 17.69 -4.28 -2.72
C ARG A 123 18.40 -4.47 -1.39
N PRO A 124 18.76 -5.72 -1.04
CA PRO A 124 18.72 -6.92 -1.91
C PRO A 124 17.40 -7.71 -1.91
N THR A 125 16.49 -7.41 -0.99
CA THR A 125 15.29 -8.23 -0.85
C THR A 125 14.10 -7.68 -1.63
N GLY A 126 14.06 -6.36 -1.85
CA GLY A 126 12.84 -5.73 -2.34
C GLY A 126 11.71 -5.66 -1.34
N LYS A 127 11.97 -5.97 -0.07
CA LYS A 127 10.94 -5.99 0.95
C LYS A 127 11.05 -4.80 1.90
N ARG A 128 9.91 -4.32 2.36
CA ARG A 128 9.86 -3.33 3.43
C ARG A 128 9.04 -3.91 4.57
N TYR A 129 9.71 -4.28 5.65
CA TYR A 129 9.01 -4.53 6.90
C TYR A 129 8.70 -3.18 7.54
N CSO A 130 7.42 -2.80 7.59
CA CSO A 130 7.04 -1.50 8.11
CB CSO A 130 5.99 -0.83 7.21
SG CSO A 130 5.70 0.88 7.74
C CSO A 130 6.53 -1.77 9.53
O CSO A 130 5.46 -2.37 9.69
OD CSO A 130 7.21 1.73 7.25
N ILE A 131 7.29 -1.39 10.55
CA ILE A 131 7.04 -1.91 11.91
C ILE A 131 6.81 -0.77 12.87
N ASN A 132 5.77 -0.85 13.71
CA ASN A 132 5.58 0.18 14.74
C ASN A 132 6.82 0.23 15.64
N SER A 133 7.34 1.44 15.86
CA SER A 133 8.35 1.63 16.91
C SER A 133 7.86 1.03 18.22
N ALA A 134 6.57 1.22 18.54
CA ALA A 134 6.03 0.77 19.82
C ALA A 134 5.86 -0.73 19.90
N ALA A 135 6.15 -1.49 18.84
CA ALA A 135 6.14 -2.95 18.90
C ALA A 135 7.52 -3.53 19.18
N LEU A 136 8.55 -2.68 19.30
CA LEU A 136 9.94 -3.10 19.36
C LEU A 136 10.62 -2.61 20.64
N SER A 137 11.60 -3.39 21.10
CA SER A 137 12.62 -2.90 22.02
C SER A 137 13.96 -2.95 21.30
N PHE A 138 14.88 -2.09 21.69
CA PHE A 138 16.18 -2.02 21.05
C PHE A 138 17.27 -2.41 22.04
N THR A 139 18.19 -3.28 21.61
CA THR A 139 19.35 -3.64 22.41
C THR A 139 20.59 -3.17 21.68
N PRO A 140 21.35 -2.23 22.22
CA PRO A 140 22.54 -1.72 21.51
C PRO A 140 23.57 -2.83 21.32
N ALA A 141 24.29 -2.77 20.21
CA ALA A 141 25.37 -3.71 19.94
C ALA A 141 26.48 -3.53 20.98
N ASP A 142 27.13 -4.66 21.31
CA ASP A 142 28.21 -4.66 22.30
C ASP A 142 29.28 -3.63 21.98
N SER B 1 -22.77 9.80 -12.96
CA SER B 1 -22.18 8.59 -12.40
C SER B 1 -22.36 7.38 -13.33
N GLY B 2 -21.25 6.69 -13.64
CA GLY B 2 -21.26 5.49 -14.46
C GLY B 2 -20.17 5.52 -15.52
N SER B 3 -19.52 4.38 -15.80
CA SER B 3 -18.45 4.36 -16.79
C SER B 3 -19.03 4.15 -18.18
N CYS B 4 -18.24 4.47 -19.20
CA CYS B 4 -18.71 4.22 -20.56
C CYS B 4 -18.95 2.73 -20.80
N ARG B 5 -18.26 1.85 -20.07
CA ARG B 5 -18.56 0.41 -20.21
C ARG B 5 -19.91 0.07 -19.59
N ASP B 6 -20.25 0.71 -18.46
CA ASP B 6 -21.56 0.52 -17.87
C ASP B 6 -22.64 0.96 -18.86
N MLY B 7 -22.50 2.18 -19.37
CA MLY B 7 -23.42 2.74 -20.37
CB MLY B 7 -23.25 4.25 -20.45
CG MLY B 7 -23.44 4.99 -19.12
CD MLY B 7 -23.19 6.50 -19.24
CE MLY B 7 -21.74 6.83 -19.53
NZ MLY B 7 -21.11 7.68 -18.46
CH1 MLY B 7 -19.99 8.41 -19.06
CH2 MLY B 7 -22.11 8.67 -18.05
C MLY B 7 -23.22 2.12 -21.75
O MLY B 7 -23.87 2.53 -22.71
N LYS B 8 -22.31 1.14 -21.83
CA LYS B 8 -22.02 0.45 -23.08
C LYS B 8 -21.91 1.42 -24.26
N ASN B 9 -21.11 2.49 -24.08
CA ASN B 9 -20.93 3.48 -25.13
C ASN B 9 -19.49 3.99 -25.21
N CYS B 10 -18.51 3.15 -24.89
CA CYS B 10 -17.12 3.61 -24.99
C CYS B 10 -16.73 3.89 -26.44
N LYS B 11 -16.03 5.01 -26.65
CA LYS B 11 -15.54 5.33 -27.99
C LYS B 11 -14.45 4.37 -28.44
N VAL B 12 -13.66 3.83 -27.52
CA VAL B 12 -12.55 2.93 -27.82
C VAL B 12 -12.86 1.56 -27.23
N VAL B 13 -12.81 0.52 -28.07
CA VAL B 13 -13.11 -0.84 -27.62
C VAL B 13 -12.05 -1.79 -28.17
N PHE B 14 -11.68 -2.78 -27.36
CA PHE B 14 -10.73 -3.81 -27.76
C PHE B 14 -11.32 -5.18 -27.48
N SER B 15 -10.85 -6.17 -28.23
CA SER B 15 -11.26 -7.54 -28.00
C SER B 15 -10.60 -8.11 -26.73
N GLN B 16 -11.28 -9.07 -26.12
CA GLN B 16 -10.69 -9.78 -24.99
C GLN B 16 -9.38 -10.43 -25.39
N GLN B 17 -9.32 -11.03 -26.57
CA GLN B 17 -8.09 -11.66 -27.03
C GLN B 17 -6.94 -10.66 -27.01
N GLU B 18 -7.14 -9.46 -27.54
CA GLU B 18 -6.07 -8.47 -27.55
C GLU B 18 -5.68 -8.08 -26.13
N LEU B 19 -6.67 -7.85 -25.26
CA LEU B 19 -6.38 -7.40 -23.91
C LEU B 19 -5.59 -8.45 -23.13
N ARG B 20 -5.97 -9.72 -23.25
CA ARG B 20 -5.27 -10.78 -22.53
C ARG B 20 -3.82 -10.90 -23.01
N MLY B 21 -3.59 -10.54 -24.26
CA MLY B 21 -2.29 -10.69 -24.91
CB MLY B 21 -2.47 -10.62 -26.43
CG MLY B 21 -1.52 -11.48 -27.21
CD MLY B 21 -1.36 -10.97 -28.63
CE MLY B 21 -2.67 -10.89 -29.36
NZ MLY B 21 -2.52 -10.47 -30.79
CH1 MLY B 21 -3.00 -9.08 -30.86
CH2 MLY B 21 -1.09 -10.47 -31.11
C MLY B 21 -1.29 -9.62 -24.48
O MLY B 21 -0.12 -9.92 -24.24
N ARG B 22 -1.74 -8.36 -24.41
CA ARG B 22 -0.81 -7.26 -24.23
C ARG B 22 -0.92 -6.54 -22.88
N LEU B 23 -1.81 -7.01 -22.00
CA LEU B 23 -1.82 -6.58 -20.60
C LEU B 23 -1.26 -7.71 -19.74
N THR B 24 -0.49 -7.35 -18.70
CA THR B 24 -0.08 -8.36 -17.74
C THR B 24 -1.30 -8.83 -16.96
N PRO B 25 -1.19 -9.95 -16.24
CA PRO B 25 -2.33 -10.39 -15.40
C PRO B 25 -2.81 -9.31 -14.46
N LEU B 26 -1.91 -8.57 -13.82
CA LEU B 26 -2.32 -7.52 -12.89
C LEU B 26 -2.97 -6.36 -13.63
N GLN B 27 -2.38 -5.92 -14.75
CA GLN B 27 -3.00 -4.88 -15.54
C GLN B 27 -4.41 -5.26 -15.96
N TYR B 28 -4.60 -6.54 -16.34
CA TYR B 28 -5.91 -6.98 -16.77
C TYR B 28 -6.88 -7.04 -15.60
N HIS B 29 -6.42 -7.56 -14.47
CA HIS B 29 -7.27 -7.62 -13.27
C HIS B 29 -7.70 -6.23 -12.82
N VAL B 30 -6.78 -5.25 -12.82
CA VAL B 30 -7.14 -3.91 -12.38
C VAL B 30 -8.12 -3.27 -13.37
N THR B 31 -7.72 -3.17 -14.63
CA THR B 31 -8.48 -2.34 -15.56
C THR B 31 -9.73 -3.04 -16.08
N GLN B 32 -9.68 -4.36 -16.26
CA GLN B 32 -10.83 -5.07 -16.81
C GLN B 32 -11.73 -5.67 -15.74
N GLU B 33 -11.14 -6.26 -14.71
CA GLU B 33 -11.92 -6.91 -13.64
C GLU B 33 -12.21 -5.94 -12.51
N MLY B 34 -11.70 -4.72 -12.64
CA MLY B 34 -11.98 -3.66 -11.69
CB MLY B 34 -13.49 -3.42 -11.63
CG MLY B 34 -14.06 -3.24 -13.04
CD MLY B 34 -15.58 -3.00 -13.08
CE MLY B 34 -16.01 -2.77 -14.53
NZ MLY B 34 -17.46 -2.40 -14.65
CH1 MLY B 34 -17.77 -2.34 -16.09
CH2 MLY B 34 -18.25 -3.51 -14.11
C MLY B 34 -11.40 -3.97 -10.32
O MLY B 34 -11.92 -3.56 -9.28
N GLY B 35 -10.27 -4.67 -10.33
CA GLY B 35 -9.54 -4.98 -9.12
C GLY B 35 -8.64 -3.86 -8.66
N THR B 36 -7.93 -4.11 -7.56
CA THR B 36 -7.00 -3.18 -6.94
C THR B 36 -5.69 -3.89 -6.68
N GLU B 37 -4.55 -3.32 -7.09
CA GLU B 37 -3.27 -3.91 -6.74
C GLU B 37 -2.99 -3.72 -5.24
N SER B 38 -2.28 -4.67 -4.63
CA SER B 38 -1.98 -4.57 -3.21
C SER B 38 -1.23 -3.27 -2.92
N ALA B 39 -1.50 -2.67 -1.75
CA ALA B 39 -0.82 -1.43 -1.39
C ALA B 39 0.69 -1.57 -1.56
N PHE B 40 1.29 -0.56 -2.19
CA PHE B 40 2.74 -0.39 -2.38
C PHE B 40 3.35 -1.41 -3.32
N GLU B 41 2.54 -2.22 -4.00
CA GLU B 41 3.07 -3.17 -4.98
C GLU B 41 3.36 -2.53 -6.33
N GLY B 42 2.74 -1.38 -6.61
CA GLY B 42 2.78 -0.84 -7.95
C GLY B 42 4.15 -0.33 -8.35
N GLU B 43 4.49 -0.57 -9.62
CA GLU B 43 5.75 -0.09 -10.20
C GLU B 43 5.90 1.42 -10.07
N TYR B 44 4.85 2.18 -10.36
CA TYR B 44 4.93 3.64 -10.42
C TYR B 44 4.65 4.33 -9.09
N THR B 45 4.48 3.58 -7.99
CA THR B 45 4.06 4.19 -6.74
C THR B 45 5.06 5.24 -6.25
N HIS B 46 6.36 4.90 -6.26
CA HIS B 46 7.39 5.86 -5.89
C HIS B 46 8.12 6.44 -7.10
N HIS B 47 7.52 6.37 -8.28
CA HIS B 47 8.13 6.82 -9.52
C HIS B 47 8.05 8.34 -9.61
N LYS B 48 9.16 8.98 -9.98
CA LYS B 48 9.20 10.44 -10.01
C LYS B 48 9.78 11.03 -11.30
N ASP B 49 10.01 10.22 -12.34
CA ASP B 49 10.61 10.78 -13.55
C ASP B 49 9.63 11.70 -14.28
N PRO B 50 10.14 12.67 -15.03
CA PRO B 50 9.25 13.59 -15.77
C PRO B 50 8.66 12.93 -17.01
N GLY B 51 7.35 13.09 -17.20
CA GLY B 51 6.69 12.50 -18.35
C GLY B 51 5.18 12.54 -18.18
N ILE B 52 4.50 11.68 -18.94
CA ILE B 52 3.05 11.61 -18.96
C ILE B 52 2.62 10.17 -18.72
N TYR B 53 1.65 10.00 -17.83
CA TYR B 53 1.05 8.69 -17.56
C TYR B 53 -0.21 8.56 -18.40
N MLY B 54 -0.33 7.44 -19.11
CA MLY B 54 -1.46 7.17 -19.98
CB MLY B 54 -0.98 6.80 -21.39
CG MLY B 54 -0.14 7.86 -22.08
CD MLY B 54 0.39 7.30 -23.42
CE MLY B 54 0.92 8.43 -24.31
NZ MLY B 54 1.55 7.84 -25.53
CH1 MLY B 54 0.48 7.64 -26.52
CH2 MLY B 54 2.52 8.83 -26.03
C MLY B 54 -2.31 6.03 -19.47
O MLY B 54 -1.83 5.20 -18.69
N CYS B 55 -3.55 5.94 -19.94
CA CYS B 55 -4.33 4.73 -19.72
C CYS B 55 -3.57 3.55 -20.30
N VAL B 56 -3.27 2.53 -19.48
CA VAL B 56 -2.50 1.39 -19.98
C VAL B 56 -3.23 0.64 -21.08
N VAL B 57 -4.56 0.77 -21.15
CA VAL B 57 -5.34 0.02 -22.13
C VAL B 57 -5.39 0.72 -23.47
N CYS B 58 -5.78 1.99 -23.49
CA CYS B 58 -6.03 2.67 -24.75
C CYS B 58 -5.01 3.76 -25.07
N GLY B 59 -4.10 4.08 -24.14
CA GLY B 59 -3.10 5.09 -24.40
C GLY B 59 -3.56 6.53 -24.28
N THR B 60 -4.79 6.78 -23.85
CA THR B 60 -5.23 8.16 -23.61
C THR B 60 -4.40 8.80 -22.49
N PRO B 61 -3.81 9.97 -22.72
CA PRO B 61 -3.11 10.67 -21.62
C PRO B 61 -4.05 10.96 -20.45
N LEU B 62 -3.56 10.68 -19.25
CA LEU B 62 -4.31 10.93 -18.01
C LEU B 62 -3.64 11.89 -17.05
N PHE B 63 -2.32 11.78 -16.83
CA PHE B 63 -1.67 12.58 -15.80
C PHE B 63 -0.30 13.07 -16.24
N LYS B 64 -0.03 14.35 -15.99
CA LYS B 64 1.33 14.88 -16.04
C LYS B 64 2.08 14.58 -14.75
N SER B 65 3.36 14.20 -14.89
CA SER B 65 4.21 13.93 -13.72
C SER B 65 4.23 15.10 -12.74
N GLU B 66 4.08 16.34 -13.22
CA GLU B 66 4.11 17.49 -12.34
C GLU B 66 2.97 17.49 -11.31
N THR B 67 1.88 16.75 -11.57
CA THR B 67 0.80 16.65 -10.59
C THR B 67 0.94 15.46 -9.67
N LYS B 68 1.97 14.63 -9.84
CA LYS B 68 2.18 13.48 -8.96
C LYS B 68 2.75 13.95 -7.64
N PHE B 69 2.24 13.40 -6.54
CA PHE B 69 2.76 13.74 -5.22
C PHE B 69 2.80 12.49 -4.35
N ASP B 70 3.56 12.58 -3.26
CA ASP B 70 3.69 11.46 -2.32
C ASP B 70 2.64 11.61 -1.22
N SER B 71 1.57 10.83 -1.33
CA SER B 71 0.51 10.85 -0.34
C SER B 71 0.76 9.86 0.79
N GLY B 72 1.73 8.96 0.63
CA GLY B 72 1.88 7.83 1.54
C GLY B 72 0.78 6.81 1.47
N SER B 73 -0.12 6.88 0.48
CA SER B 73 -1.30 6.02 0.47
C SER B 73 -1.02 4.58 0.07
N GLY B 74 0.00 4.34 -0.77
CA GLY B 74 0.26 3.01 -1.29
C GLY B 74 0.03 2.86 -2.79
N TRP B 75 -0.41 3.91 -3.46
CA TRP B 75 -0.62 3.91 -4.90
C TRP B 75 -0.22 5.25 -5.46
N PRO B 76 0.11 5.33 -6.74
CA PRO B 76 0.28 6.63 -7.39
C PRO B 76 -0.85 7.59 -7.04
N SER B 77 -0.48 8.84 -6.73
CA SER B 77 -1.41 9.89 -6.34
C SER B 77 -1.11 11.12 -7.19
N PHE B 78 -2.16 11.71 -7.78
CA PHE B 78 -2.03 12.92 -8.57
C PHE B 78 -3.04 13.95 -8.06
N HIS B 79 -2.66 15.23 -8.11
CA HIS B 79 -3.61 16.25 -7.63
C HIS B 79 -4.47 16.82 -8.74
N ASP B 80 -4.26 16.40 -9.99
CA ASP B 80 -5.14 16.88 -11.05
C ASP B 80 -5.00 15.97 -12.24
N VAL B 81 -5.98 16.01 -13.11
CA VAL B 81 -6.02 15.22 -14.33
C VAL B 81 -5.51 16.10 -15.47
N ILE B 82 -4.96 15.47 -16.52
CA ILE B 82 -4.29 16.24 -17.57
C ILE B 82 -5.31 17.05 -18.37
N ASN B 83 -6.54 16.58 -18.47
CA ASN B 83 -7.63 17.45 -18.91
C ASN B 83 -8.93 16.86 -18.41
N SER B 84 -9.94 17.73 -18.29
CA SER B 84 -11.16 17.40 -17.55
C SER B 84 -11.99 16.31 -18.22
N GLU B 85 -11.80 16.05 -19.51
CA GLU B 85 -12.60 15.04 -20.20
C GLU B 85 -11.99 13.65 -20.10
N ALA B 86 -10.84 13.50 -19.45
CA ALA B 86 -10.10 12.24 -19.52
C ALA B 86 -10.67 11.15 -18.61
N ILE B 87 -11.32 11.52 -17.50
CA ILE B 87 -11.70 10.55 -16.48
C ILE B 87 -13.17 10.71 -16.14
N THR B 88 -13.85 9.58 -15.97
N THR B 88 -13.86 9.59 -15.96
CA THR B 88 -15.25 9.52 -15.55
CA THR B 88 -15.26 9.61 -15.54
C THR B 88 -15.33 9.08 -14.09
C THR B 88 -15.40 9.04 -14.14
N PHE B 89 -16.34 9.59 -13.38
CA PHE B 89 -16.52 9.28 -11.97
C PHE B 89 -17.79 8.47 -11.75
N THR B 90 -17.69 7.47 -10.87
CA THR B 90 -18.81 6.57 -10.58
C THR B 90 -18.88 6.33 -9.09
N ASP B 91 -20.09 6.42 -8.51
CA ASP B 91 -20.27 6.01 -7.13
C ASP B 91 -19.93 4.54 -6.97
N ASP B 92 -19.06 4.24 -6.00
CA ASP B 92 -18.55 2.90 -5.75
C ASP B 92 -18.95 2.51 -4.33
N PHE B 93 -19.84 1.53 -4.21
CA PHE B 93 -20.28 1.05 -2.91
C PHE B 93 -19.66 -0.28 -2.53
N SER B 94 -18.54 -0.64 -3.17
CA SER B 94 -17.84 -1.87 -2.84
C SER B 94 -17.34 -1.86 -1.40
N TYR B 95 -17.26 -3.06 -0.80
CA TYR B 95 -16.46 -3.32 0.40
C TYR B 95 -17.02 -2.60 1.60
N GLY B 96 -18.32 -2.29 1.57
CA GLY B 96 -18.95 -1.63 2.70
C GLY B 96 -18.64 -0.17 2.82
N MET B 97 -18.12 0.45 1.76
CA MET B 97 -17.77 1.86 1.76
C MET B 97 -18.49 2.58 0.63
N HIS B 98 -18.50 3.90 0.72
CA HIS B 98 -18.90 4.78 -0.37
C HIS B 98 -17.66 5.54 -0.81
N ARG B 99 -17.18 5.23 -2.02
CA ARG B 99 -16.06 5.91 -2.63
C ARG B 99 -16.48 6.38 -4.02
N VAL B 100 -15.65 7.23 -4.63
CA VAL B 100 -15.86 7.68 -6.00
C VAL B 100 -14.80 7.03 -6.88
N GLU B 101 -15.22 6.09 -7.70
CA GLU B 101 -14.30 5.38 -8.59
C GLU B 101 -13.98 6.25 -9.80
N THR B 102 -12.76 6.08 -10.32
CA THR B 102 -12.30 6.80 -11.50
C THR B 102 -12.01 5.80 -12.61
N SER B 103 -12.50 6.09 -13.81
CA SER B 103 -12.28 5.22 -14.95
C SER B 103 -11.91 6.07 -16.16
N CYS B 104 -11.23 5.43 -17.11
CA CYS B 104 -10.87 6.07 -18.37
C CYS B 104 -12.12 6.41 -19.17
N SER B 105 -12.30 7.70 -19.48
CA SER B 105 -13.51 8.10 -20.18
C SER B 105 -13.59 7.55 -21.59
N GLN B 106 -12.46 7.13 -22.18
CA GLN B 106 -12.44 6.68 -23.57
C GLN B 106 -12.70 5.19 -23.72
N CYS B 107 -12.11 4.36 -22.85
CA CYS B 107 -12.24 2.92 -22.98
C CYS B 107 -12.86 2.28 -21.75
N GLY B 108 -13.15 3.05 -20.71
CA GLY B 108 -13.79 2.50 -19.53
C GLY B 108 -12.88 1.75 -18.60
N ALA B 109 -11.55 1.82 -18.78
CA ALA B 109 -10.67 1.10 -17.89
C ALA B 109 -10.85 1.57 -16.46
N HIS B 110 -10.94 0.64 -15.53
CA HIS B 110 -10.88 1.01 -14.12
C HIS B 110 -9.49 1.53 -13.78
N LEU B 111 -9.44 2.72 -13.17
CA LEU B 111 -8.17 3.36 -12.82
C LEU B 111 -7.93 3.38 -11.32
N GLY B 112 -8.91 3.81 -10.53
CA GLY B 112 -8.68 3.98 -9.11
C GLY B 112 -9.85 4.69 -8.47
N HIS B 113 -9.58 5.62 -7.55
CA HIS B 113 -10.60 6.41 -6.87
C HIS B 113 -10.10 7.84 -6.66
N ILE B 114 -11.02 8.74 -6.30
CA ILE B 114 -10.66 10.13 -6.04
C ILE B 114 -11.11 10.51 -4.64
N PHE B 115 -10.25 11.23 -3.93
CA PHE B 115 -10.50 11.64 -2.55
C PHE B 115 -10.27 13.15 -2.44
N ASP B 116 -10.75 13.72 -1.33
CA ASP B 116 -10.68 15.16 -1.12
C ASP B 116 -9.61 15.56 -0.12
N ASP B 117 -8.58 14.74 0.04
CA ASP B 117 -7.54 15.00 1.03
C ASP B 117 -6.21 15.38 0.37
N GLY B 118 -6.26 15.95 -0.83
CA GLY B 118 -5.05 16.26 -1.55
C GLY B 118 -4.52 17.64 -1.23
N PRO B 119 -3.37 17.98 -1.82
CA PRO B 119 -2.73 19.27 -1.55
C PRO B 119 -3.31 20.37 -2.41
N ARG B 120 -2.99 21.60 -2.02
CA ARG B 120 -3.09 22.77 -2.90
C ARG B 120 -2.43 22.41 -4.22
N PRO B 121 -2.94 22.91 -5.37
CA PRO B 121 -4.01 23.90 -5.49
C PRO B 121 -5.44 23.34 -5.63
N THR B 122 -5.58 22.02 -5.74
CA THR B 122 -6.87 21.41 -6.02
C THR B 122 -7.53 20.81 -4.78
N GLY B 123 -6.74 20.41 -3.79
CA GLY B 123 -7.26 19.64 -2.68
C GLY B 123 -7.71 18.24 -3.04
N LYS B 124 -7.36 17.75 -4.23
CA LYS B 124 -7.81 16.45 -4.73
C LYS B 124 -6.68 15.45 -4.73
N ARG B 125 -7.01 14.19 -4.42
CA ARG B 125 -6.09 13.07 -4.60
C ARG B 125 -6.72 12.08 -5.58
N TYR B 126 -6.20 12.05 -6.79
CA TYR B 126 -6.50 10.96 -7.71
C TYR B 126 -5.62 9.80 -7.30
N CSO B 127 -6.23 8.73 -6.82
CA CSO B 127 -5.47 7.59 -6.29
CB CSO B 127 -6.05 7.14 -4.95
SG CSO B 127 -4.89 6.07 -4.09
C CSO B 127 -5.56 6.47 -7.33
O CSO B 127 -6.61 5.84 -7.47
OD CSO B 127 -3.53 7.06 -3.52
N ILE B 128 -4.46 6.23 -8.06
CA ILE B 128 -4.54 5.43 -9.29
C ILE B 128 -3.64 4.20 -9.19
N ASN B 129 -4.18 3.03 -9.54
CA ASN B 129 -3.37 1.82 -9.62
C ASN B 129 -2.21 2.04 -10.59
N SER B 130 -1.01 1.68 -10.16
CA SER B 130 0.11 1.66 -11.09
C SER B 130 -0.21 0.79 -12.31
N ALA B 131 -0.91 -0.32 -12.08
CA ALA B 131 -1.20 -1.27 -13.15
C ALA B 131 -2.29 -0.79 -14.10
N ALA B 132 -2.90 0.37 -13.85
CA ALA B 132 -3.79 0.97 -14.83
C ALA B 132 -3.06 1.95 -15.74
N LEU B 133 -1.75 2.12 -15.56
CA LEU B 133 -1.02 3.19 -16.21
C LEU B 133 0.14 2.66 -17.06
N SER B 134 0.48 3.41 -18.12
CA SER B 134 1.80 3.33 -18.73
C SER B 134 2.43 4.71 -18.65
N PHE B 135 3.75 4.76 -18.84
CA PHE B 135 4.50 5.99 -18.65
C PHE B 135 5.31 6.30 -19.90
N THR B 136 5.22 7.55 -20.36
CA THR B 136 6.02 8.02 -21.49
C THR B 136 7.01 9.07 -21.01
N PRO B 137 8.31 8.80 -21.06
CA PRO B 137 9.28 9.79 -20.58
C PRO B 137 9.18 11.09 -21.36
N ALA B 138 9.37 12.20 -20.66
CA ALA B 138 9.40 13.53 -21.29
C ALA B 138 10.43 13.61 -22.43
N ALA B 151 1.20 12.88 -25.03
CA ALA B 151 0.37 13.32 -26.14
C ALA B 151 -0.51 12.18 -26.64
N SER B 152 -1.56 12.52 -27.37
CA SER B 152 -2.54 11.54 -27.82
C SER B 152 -1.91 10.56 -28.81
N PRO B 153 -2.30 9.28 -28.77
CA PRO B 153 -1.90 8.35 -29.83
C PRO B 153 -2.62 8.58 -31.16
N ALA B 154 -3.60 9.48 -31.22
CA ALA B 154 -4.34 9.73 -32.45
C ALA B 154 -3.76 10.90 -33.21
N GLN B 155 -3.78 10.80 -34.54
CA GLN B 155 -3.23 11.85 -35.40
C GLN B 155 -4.26 12.96 -35.57
N ALA B 156 -3.82 14.22 -35.42
CA ALA B 156 -4.60 15.39 -35.75
C ALA B 156 -3.72 16.34 -36.53
N ASP B 157 -4.18 16.79 -37.71
CA ASP B 157 -3.39 17.69 -38.54
C ASP B 157 -3.21 19.04 -37.87
ZN ZN C . 6.58 -11.52 20.80
S SO4 D . -5.70 -10.05 33.35
O1 SO4 D . -6.37 -9.34 34.47
O2 SO4 D . -6.67 -10.88 32.65
O3 SO4 D . -5.17 -9.07 32.39
O4 SO4 D . -4.60 -10.85 33.90
C1 MPD E . 3.39 0.10 10.80
C2 MPD E . 2.38 -0.16 9.68
O2 MPD E . 1.35 -1.07 10.11
CM MPD E . 3.17 -0.85 8.57
C3 MPD E . 1.88 1.19 9.28
C4 MPD E . 0.91 1.22 8.13
O4 MPD E . 0.73 2.62 7.98
C5 MPD E . 1.32 0.66 6.79
H11 MPD E . 4.07 0.89 10.51
H12 MPD E . 3.95 -0.82 11.00
H13 MPD E . 2.85 0.39 11.70
HO2 MPD E . 0.55 -0.55 10.37
HM1 MPD E . 4.19 -1.07 8.93
HM2 MPD E . 3.23 -0.21 7.69
HM3 MPD E . 2.68 -1.79 8.31
H31 MPD E . 2.74 1.81 9.03
H32 MPD E . 1.39 1.63 10.15
H4 MPD E . 0.06 0.58 8.38
HO4 MPD E . 1.42 2.97 7.37
H51 MPD E . 2.22 1.17 6.44
H52 MPD E . 0.51 0.82 6.08
H53 MPD E . 1.51 -0.40 6.89
C1 MPD F . -3.80 -4.81 10.99
C2 MPD F . -4.86 -3.74 10.74
O2 MPD F . -5.89 -4.30 9.90
CM MPD F . -4.17 -2.62 9.96
C3 MPD F . -5.48 -3.25 12.05
C4 MPD F . -6.47 -2.12 11.84
O4 MPD F . -7.42 -2.45 10.84
C5 MPD F . -7.21 -1.79 13.14
H11 MPD F . -3.14 -4.47 11.80
H12 MPD F . -3.22 -4.97 10.09
H13 MPD F . -4.29 -5.73 11.29
HO2 MPD F . -6.63 -4.62 10.46
HM1 MPD F . -3.36 -2.23 10.56
HM2 MPD F . -4.90 -1.82 9.76
HM3 MPD F . -3.78 -3.01 9.03
H31 MPD F . -4.68 -2.91 12.70
H32 MPD F . -5.99 -4.09 12.53
H4 MPD F . -5.91 -1.23 11.52
HO4 MPD F . -7.83 -3.31 11.06
H51 MPD F . -8.05 -1.12 12.92
H52 MPD F . -6.52 -1.30 13.83
H53 MPD F . -7.58 -2.71 13.58
ZN ZN G . -8.45 3.98 -21.64
S SO4 H . -17.21 -5.00 -19.84
O1 SO4 H . -16.80 -3.83 -19.06
O2 SO4 H . -18.63 -5.26 -19.58
O3 SO4 H . -17.01 -4.73 -21.27
O4 SO4 H . -16.42 -6.16 -19.45
S SO4 I . -22.59 9.91 -21.75
O1 SO4 I . -22.32 10.68 -20.52
O2 SO4 I . -24.00 9.50 -21.79
O3 SO4 I . -22.31 10.76 -22.90
O4 SO4 I . -21.74 8.72 -21.76
C1 MPD J . -8.57 3.51 -2.18
C2 MPD J . -7.99 2.38 -3.02
O2 MPD J . -9.08 1.60 -3.58
CM MPD J . -7.18 1.48 -2.11
C3 MPD J . -7.10 3.01 -4.10
C4 MPD J . -7.12 2.26 -5.40
O4 MPD J . -8.42 2.34 -5.93
C5 MPD J . -6.01 2.72 -6.35
H11 MPD J . -7.85 3.80 -1.42
H12 MPD J . -9.49 3.17 -1.70
H13 MPD J . -8.78 4.36 -2.82
HO2 MPD J . -9.41 2.04 -4.39
HM1 MPD J . -6.35 2.04 -1.70
HM2 MPD J . -6.80 0.63 -2.69
HM3 MPD J . -7.82 1.11 -1.31
H31 MPD J . -6.07 3.03 -3.73
H32 MPD J . -7.42 4.03 -4.28
H4 MPD J . -6.89 1.21 -5.24
HO4 MPD J . -8.60 3.25 -6.22
H51 MPD J . -6.27 2.45 -7.38
H52 MPD J . -5.08 2.25 -6.08
H53 MPD J . -5.90 3.80 -6.29
#